data_5NPZ
#
_entry.id   5NPZ
#
_cell.length_a   42.034
_cell.length_b   128.290
_cell.length_c   46.794
_cell.angle_alpha   90.000
_cell.angle_beta   101.900
_cell.angle_gamma   90.000
#
_symmetry.space_group_name_H-M   'P 1 21 1'
#
loop_
_entity.id
_entity.type
_entity.pdbx_description
1 polymer 'MHC class I antigen'
2 polymer Beta-2-microglobulin
3 polymer GLU-PHE-GLU-ASP-LEU-THR-PHE-LEU-ALA
4 non-polymer 1,2-ETHANEDIOL
5 non-polymer GLYCEROL
6 non-polymer DI(HYDROXYETHYL)ETHER
7 water water
#
loop_
_entity_poly.entity_id
_entity_poly.type
_entity_poly.pdbx_seq_one_letter_code
_entity_poly.pdbx_strand_id
1 'polypeptide(L)'
;MGPHSLSYFSTAVSRPDRGDSRFIAVGYVDDTQFVRFDSDAPNPRMEPRAPWIQQEGQEYWDRNTRNVMGSAQINRVNLK
TLRGYYNQSEAGSHTLQWMYGCYLGPDGLLLRGYDQFAYDGADYLALNEDLRSWTAADMAAQISKRKWEAADAAEHWRSY
LQGTCVESLRRYLQMGKDTLQRAEPPKTHVTRHPSSDLGVTLRCWALGFHPKEISLTWQREGQDQSQDMELVETRPSGDG
TFQKWAALVVPPGEEQSYTCHVQHEGLQEPLTLRWDP
;
A
2 'polypeptide(L)'
;MVARPPKVQVYSRHPAENGKPNYLNCYVSGFHPPQIEIDLLKNGEKMNAEQSDLSFSKDWSFYLLVHTEFTPNAVDQYSC
RVKHVTLDKPKIVKWDRDH
;
B
3 'polypeptide(L)' EFEDLTFLA C
#
loop_
_chem_comp.id
_chem_comp.type
_chem_comp.name
_chem_comp.formula
EDO non-polymer 1,2-ETHANEDIOL 'C2 H6 O2'
GOL non-polymer GLYCEROL 'C3 H8 O3'
PEG non-polymer DI(HYDROXYETHYL)ETHER 'C4 H10 O3'
#
# COMPACT_ATOMS: atom_id res chain seq x y z
N MET A 1 15.41 -11.39 10.87
CA MET A 1 14.52 -10.88 9.78
C MET A 1 13.36 -10.09 10.47
N GLY A 2 12.13 -10.27 10.01
CA GLY A 2 10.91 -9.97 10.77
C GLY A 2 9.94 -11.03 10.33
N PRO A 3 8.76 -11.11 10.97
CA PRO A 3 7.74 -12.10 10.54
C PRO A 3 7.16 -11.90 9.14
N HIS A 4 7.01 -13.00 8.43
CA HIS A 4 6.35 -12.93 7.12
C HIS A 4 4.87 -12.84 7.32
N SER A 5 4.16 -12.38 6.27
CA SER A 5 2.71 -12.25 6.27
C SER A 5 2.04 -12.48 4.93
N LEU A 6 0.80 -12.93 4.96
CA LEU A 6 -0.14 -12.95 3.81
C LEU A 6 -1.33 -12.06 4.12
N SER A 7 -1.68 -11.17 3.20
N SER A 7 -1.59 -11.06 3.26
CA SER A 7 -2.75 -10.22 3.43
CA SER A 7 -2.68 -10.09 3.47
C SER A 7 -3.55 -9.97 2.17
C SER A 7 -3.47 -9.75 2.21
N TYR A 8 -4.80 -9.61 2.34
CA TYR A 8 -5.67 -9.21 1.25
C TYR A 8 -6.33 -7.86 1.63
N PHE A 9 -6.34 -6.93 0.70
CA PHE A 9 -6.88 -5.55 0.84
C PHE A 9 -7.97 -5.34 -0.20
N SER A 10 -9.23 -5.18 0.20
CA SER A 10 -10.35 -5.04 -0.73
C SER A 10 -11.08 -3.72 -0.54
N THR A 11 -11.49 -3.10 -1.65
CA THR A 11 -12.22 -1.81 -1.72
C THR A 11 -13.54 -2.01 -2.51
N ALA A 12 -14.71 -1.70 -1.90
CA ALA A 12 -15.98 -1.70 -2.56
C ALA A 12 -16.53 -0.26 -2.61
N VAL A 13 -16.93 0.21 -3.80
CA VAL A 13 -17.43 1.58 -4.00
C VAL A 13 -18.83 1.47 -4.63
N SER A 14 -19.82 2.15 -4.04
CA SER A 14 -21.14 2.16 -4.65
C SER A 14 -21.22 3.16 -5.80
N ARG A 15 -22.05 2.82 -6.79
CA ARG A 15 -22.22 3.67 -8.00
C ARG A 15 -23.74 3.82 -8.31
N PRO A 16 -24.44 4.63 -7.52
CA PRO A 16 -25.90 4.79 -7.68
C PRO A 16 -26.39 5.19 -9.04
N ASP A 17 -25.58 5.98 -9.75
N ASP A 17 -25.62 5.99 -9.79
CA ASP A 17 -25.89 6.42 -11.10
CA ASP A 17 -26.03 6.40 -11.15
C ASP A 17 -25.98 5.25 -12.09
C ASP A 17 -25.82 5.31 -12.20
N ARG A 18 -25.25 4.17 -11.81
CA ARG A 18 -25.21 2.96 -12.67
C ARG A 18 -26.00 1.75 -12.13
N GLY A 19 -26.55 1.87 -10.94
CA GLY A 19 -27.21 0.81 -10.24
C GLY A 19 -26.34 -0.36 -9.85
N ASP A 20 -25.05 -0.12 -9.59
CA ASP A 20 -24.13 -1.22 -9.31
C ASP A 20 -23.04 -0.74 -8.31
N SER A 21 -21.98 -1.53 -8.16
CA SER A 21 -20.81 -1.18 -7.39
C SER A 21 -19.58 -1.73 -8.14
N ARG A 22 -18.40 -1.31 -7.69
CA ARG A 22 -17.10 -1.84 -8.16
C ARG A 22 -16.32 -2.40 -6.97
N PHE A 23 -15.81 -3.63 -7.12
CA PHE A 23 -15.02 -4.33 -6.08
C PHE A 23 -13.60 -4.60 -6.62
N ILE A 24 -12.57 -4.14 -5.89
CA ILE A 24 -11.14 -4.35 -6.26
C ILE A 24 -10.47 -5.05 -5.09
N ALA A 25 -9.85 -6.20 -5.28
CA ALA A 25 -9.13 -6.93 -4.22
C ALA A 25 -7.68 -7.10 -4.71
N VAL A 26 -6.70 -6.95 -3.81
CA VAL A 26 -5.27 -7.24 -4.08
C VAL A 26 -4.71 -8.12 -2.95
N GLY A 27 -3.86 -9.08 -3.30
CA GLY A 27 -3.15 -9.93 -2.30
C GLY A 27 -1.67 -9.67 -2.30
N TYR A 28 -1.05 -9.67 -1.09
CA TYR A 28 0.38 -9.43 -0.86
C TYR A 28 0.99 -10.58 -0.01
N VAL A 29 2.21 -10.97 -0.33
CA VAL A 29 3.12 -11.72 0.59
C VAL A 29 4.19 -10.68 0.95
N ASP A 30 4.24 -10.31 2.23
CA ASP A 30 5.19 -9.27 2.71
C ASP A 30 4.91 -7.93 1.91
N ASP A 31 5.93 -7.37 1.26
CA ASP A 31 5.76 -6.15 0.43
C ASP A 31 5.43 -6.43 -1.05
N THR A 32 5.17 -7.69 -1.42
CA THR A 32 5.13 -8.13 -2.84
C THR A 32 3.69 -8.46 -3.21
N GLN A 33 3.09 -7.69 -4.13
CA GLN A 33 1.74 -7.98 -4.60
C GLN A 33 1.85 -9.25 -5.49
N PHE A 34 0.88 -10.19 -5.37
CA PHE A 34 0.92 -11.40 -6.21
C PHE A 34 -0.39 -11.77 -6.91
N VAL A 35 -1.53 -11.16 -6.52
CA VAL A 35 -2.83 -11.40 -7.20
C VAL A 35 -3.65 -10.11 -7.23
N ARG A 36 -4.61 -10.03 -8.17
CA ARG A 36 -5.63 -8.97 -8.22
C ARG A 36 -6.96 -9.53 -8.70
N PHE A 37 -8.03 -8.80 -8.40
CA PHE A 37 -9.37 -9.04 -8.95
C PHE A 37 -10.03 -7.65 -9.13
N ASP A 38 -10.77 -7.42 -10.21
CA ASP A 38 -11.51 -6.14 -10.44
C ASP A 38 -12.87 -6.51 -11.06
N SER A 39 -13.98 -6.28 -10.32
CA SER A 39 -15.30 -6.68 -10.84
C SER A 39 -15.73 -5.91 -12.09
N ASP A 40 -15.06 -4.80 -12.42
CA ASP A 40 -15.35 -4.09 -13.70
C ASP A 40 -14.69 -4.72 -14.93
N ALA A 41 -13.75 -5.63 -14.75
CA ALA A 41 -13.05 -6.20 -15.91
C ALA A 41 -13.99 -7.10 -16.69
N PRO A 42 -13.92 -7.10 -18.04
CA PRO A 42 -14.79 -8.03 -18.78
C PRO A 42 -14.30 -9.46 -18.51
N ASN A 43 -15.24 -10.37 -18.29
CA ASN A 43 -14.91 -11.76 -17.94
C ASN A 43 -13.98 -11.79 -16.70
N PRO A 44 -14.40 -11.19 -15.58
CA PRO A 44 -13.46 -10.97 -14.46
C PRO A 44 -12.94 -12.25 -13.79
N ARG A 45 -11.63 -12.30 -13.55
CA ARG A 45 -10.95 -13.48 -12.95
C ARG A 45 -9.94 -13.01 -11.91
N MET A 46 -9.62 -13.87 -10.92
CA MET A 46 -8.43 -13.62 -10.09
C MET A 46 -7.24 -13.81 -11.05
N GLU A 47 -6.30 -12.86 -11.01
CA GLU A 47 -5.16 -12.80 -12.00
C GLU A 47 -3.81 -12.73 -11.34
N PRO A 48 -2.76 -13.32 -11.93
CA PRO A 48 -1.40 -13.29 -11.35
C PRO A 48 -0.76 -11.89 -11.47
N ARG A 49 0.00 -11.49 -10.46
CA ARG A 49 0.74 -10.23 -10.48
C ARG A 49 2.18 -10.39 -10.06
N ALA A 50 2.62 -11.58 -9.66
CA ALA A 50 4.06 -11.89 -9.48
C ALA A 50 4.39 -13.18 -10.29
N PRO A 51 5.62 -13.33 -10.83
CA PRO A 51 5.92 -14.51 -11.68
C PRO A 51 5.74 -15.85 -10.97
N TRP A 52 6.10 -15.92 -9.69
CA TRP A 52 6.12 -17.21 -8.97
C TRP A 52 4.74 -17.81 -8.69
N ILE A 53 3.65 -17.05 -8.73
CA ILE A 53 2.30 -17.63 -8.59
C ILE A 53 1.75 -18.31 -9.86
N GLN A 54 2.36 -18.05 -11.03
N GLN A 54 2.39 -18.00 -11.01
CA GLN A 54 1.84 -18.65 -12.29
CA GLN A 54 1.97 -18.54 -12.31
C GLN A 54 2.00 -20.16 -12.37
C GLN A 54 1.95 -20.07 -12.32
N GLN A 55 2.81 -20.71 -11.51
CA GLN A 55 2.88 -22.19 -11.47
C GLN A 55 1.61 -22.86 -10.89
N GLU A 56 0.72 -22.15 -10.20
CA GLU A 56 -0.52 -22.77 -9.69
C GLU A 56 -1.40 -23.20 -10.86
N GLY A 57 -2.04 -24.36 -10.68
CA GLY A 57 -2.86 -24.90 -11.74
C GLY A 57 -4.28 -24.35 -11.83
N GLN A 58 -5.07 -24.94 -12.75
CA GLN A 58 -6.41 -24.40 -13.06
C GLN A 58 -7.37 -24.42 -11.88
N GLU A 59 -7.37 -25.50 -11.06
CA GLU A 59 -8.22 -25.58 -9.89
C GLU A 59 -8.00 -24.41 -8.93
N TYR A 60 -6.74 -24.00 -8.72
CA TYR A 60 -6.41 -22.90 -7.83
C TYR A 60 -7.09 -21.62 -8.37
N TRP A 61 -6.88 -21.35 -9.66
CA TRP A 61 -7.40 -20.09 -10.27
C TRP A 61 -8.97 -20.09 -10.27
N ASP A 62 -9.59 -21.24 -10.57
CA ASP A 62 -11.06 -21.34 -10.58
C ASP A 62 -11.64 -21.12 -9.18
N ARG A 63 -11.07 -21.81 -8.17
CA ARG A 63 -11.49 -21.72 -6.76
C ARG A 63 -11.33 -20.28 -6.22
N ASN A 64 -10.15 -19.69 -6.39
CA ASN A 64 -9.95 -18.34 -5.92
C ASN A 64 -10.88 -17.33 -6.63
N THR A 65 -11.10 -17.50 -7.96
CA THR A 65 -12.04 -16.67 -8.71
C THR A 65 -13.47 -16.80 -8.12
N ARG A 66 -13.94 -18.02 -7.91
CA ARG A 66 -15.31 -18.24 -7.37
C ARG A 66 -15.44 -17.55 -6.03
N ASN A 67 -14.43 -17.68 -5.16
CA ASN A 67 -14.57 -17.14 -3.82
C ASN A 67 -14.54 -15.61 -3.81
N VAL A 68 -13.65 -14.98 -4.59
CA VAL A 68 -13.62 -13.51 -4.63
C VAL A 68 -14.84 -12.89 -5.36
N MET A 69 -15.37 -13.59 -6.38
N MET A 69 -15.39 -13.59 -6.36
CA MET A 69 -16.65 -13.18 -7.04
CA MET A 69 -16.62 -13.13 -7.02
C MET A 69 -17.78 -13.14 -5.99
C MET A 69 -17.84 -13.19 -6.08
N GLY A 70 -17.89 -14.20 -5.20
CA GLY A 70 -18.90 -14.25 -4.12
C GLY A 70 -18.74 -13.10 -3.13
N SER A 71 -17.51 -12.79 -2.78
N SER A 71 -17.50 -12.76 -2.75
N SER A 71 -17.51 -12.76 -2.73
CA SER A 71 -17.22 -11.70 -1.88
CA SER A 71 -17.22 -11.64 -1.82
CA SER A 71 -17.28 -11.63 -1.81
C SER A 71 -17.65 -10.33 -2.41
C SER A 71 -17.57 -10.26 -2.40
C SER A 71 -17.73 -10.32 -2.43
N ALA A 72 -17.47 -10.14 -3.73
CA ALA A 72 -17.89 -8.90 -4.42
C ALA A 72 -19.43 -8.74 -4.34
N GLN A 73 -20.15 -9.84 -4.56
N GLN A 73 -20.15 -9.83 -4.55
CA GLN A 73 -21.64 -9.83 -4.42
CA GLN A 73 -21.63 -9.83 -4.43
C GLN A 73 -22.09 -9.46 -3.00
C GLN A 73 -22.11 -9.47 -3.00
N ILE A 74 -21.48 -10.10 -2.00
CA ILE A 74 -21.87 -9.86 -0.60
C ILE A 74 -21.54 -8.42 -0.20
N ASN A 75 -20.41 -7.90 -0.67
N ASN A 75 -20.37 -7.91 -0.64
CA ASN A 75 -20.08 -6.55 -0.33
CA ASN A 75 -20.00 -6.53 -0.31
C ASN A 75 -20.94 -5.48 -1.01
C ASN A 75 -20.91 -5.48 -1.01
N ARG A 76 -21.49 -5.81 -2.18
CA ARG A 76 -22.53 -4.93 -2.83
C ARG A 76 -23.78 -4.81 -1.92
N VAL A 77 -24.23 -5.96 -1.38
CA VAL A 77 -25.34 -5.94 -0.39
C VAL A 77 -24.96 -5.12 0.86
N ASN A 78 -23.75 -5.37 1.39
CA ASN A 78 -23.31 -4.63 2.58
C ASN A 78 -23.31 -3.08 2.42
N LEU A 79 -22.92 -2.60 1.23
CA LEU A 79 -23.03 -1.16 0.89
C LEU A 79 -24.47 -0.66 1.08
N LYS A 80 -25.44 -1.42 0.55
CA LYS A 80 -26.86 -1.02 0.68
C LYS A 80 -27.34 -1.04 2.15
N THR A 81 -26.91 -2.08 2.89
CA THR A 81 -27.33 -2.22 4.30
C THR A 81 -26.80 -1.05 5.14
N LEU A 82 -25.51 -0.72 4.97
CA LEU A 82 -24.88 0.35 5.76
C LEU A 82 -25.52 1.74 5.39
N ARG A 83 -25.82 1.99 4.11
CA ARG A 83 -26.54 3.24 3.76
C ARG A 83 -27.82 3.38 4.60
N GLY A 84 -28.53 2.28 4.78
CA GLY A 84 -29.76 2.26 5.54
C GLY A 84 -29.52 2.50 7.02
N TYR A 85 -28.46 1.88 7.56
CA TYR A 85 -28.22 2.01 9.01
C TYR A 85 -27.90 3.46 9.33
N TYR A 86 -27.21 4.16 8.44
CA TYR A 86 -26.89 5.55 8.64
C TYR A 86 -27.90 6.58 8.06
N ASN A 87 -29.04 6.10 7.54
N ASN A 87 -29.03 6.11 7.51
CA ASN A 87 -30.03 6.94 6.84
CA ASN A 87 -30.04 7.01 6.92
C ASN A 87 -29.41 7.99 5.90
C ASN A 87 -29.51 7.97 5.80
N GLN A 88 -28.56 7.51 5.00
CA GLN A 88 -27.89 8.34 3.98
C GLN A 88 -28.70 8.33 2.67
N SER A 89 -28.55 9.39 1.87
N SER A 89 -28.57 9.38 1.86
CA SER A 89 -29.25 9.48 0.57
CA SER A 89 -29.31 9.45 0.60
C SER A 89 -28.85 8.36 -0.39
C SER A 89 -28.85 8.37 -0.38
N GLU A 90 -29.78 7.98 -1.26
CA GLU A 90 -29.51 6.96 -2.27
C GLU A 90 -28.62 7.49 -3.39
N ALA A 91 -28.43 8.81 -3.52
CA ALA A 91 -27.66 9.36 -4.63
C ALA A 91 -26.15 9.40 -4.42
N GLY A 92 -25.67 9.36 -3.17
CA GLY A 92 -24.24 9.49 -2.95
C GLY A 92 -23.45 8.16 -3.06
N SER A 93 -22.19 8.26 -3.49
CA SER A 93 -21.24 7.11 -3.46
C SER A 93 -20.57 6.97 -2.07
N HIS A 94 -20.44 5.72 -1.59
CA HIS A 94 -19.76 5.39 -0.33
C HIS A 94 -18.70 4.33 -0.56
N THR A 95 -17.79 4.19 0.42
CA THR A 95 -16.67 3.25 0.33
C THR A 95 -16.66 2.28 1.51
N LEU A 96 -16.56 0.97 1.24
CA LEU A 96 -16.41 -0.09 2.29
C LEU A 96 -15.09 -0.82 2.03
N GLN A 97 -14.14 -0.69 2.96
CA GLN A 97 -12.83 -1.32 2.90
C GLN A 97 -12.71 -2.52 3.86
N TRP A 98 -11.98 -3.55 3.46
CA TRP A 98 -11.83 -4.87 4.21
C TRP A 98 -10.40 -5.29 4.16
N MET A 99 -9.74 -5.52 5.30
CA MET A 99 -8.38 -6.06 5.28
C MET A 99 -8.32 -7.26 6.21
N TYR A 100 -7.68 -8.35 5.77
CA TYR A 100 -7.53 -9.55 6.65
C TYR A 100 -6.22 -10.20 6.31
N GLY A 101 -5.70 -11.00 7.23
CA GLY A 101 -4.46 -11.73 6.97
C GLY A 101 -3.83 -12.41 8.17
N CYS A 102 -2.64 -12.92 7.97
CA CYS A 102 -1.89 -13.72 8.99
C CYS A 102 -0.40 -13.42 8.98
N TYR A 103 0.20 -13.27 10.19
CA TYR A 103 1.64 -13.22 10.36
C TYR A 103 2.15 -14.55 10.88
N LEU A 104 3.33 -14.96 10.39
CA LEU A 104 3.92 -16.29 10.66
C LEU A 104 4.96 -16.20 11.79
N GLY A 105 4.79 -17.03 12.81
CA GLY A 105 5.78 -17.12 13.86
C GLY A 105 7.00 -17.98 13.52
N PRO A 106 8.03 -17.93 14.38
CA PRO A 106 9.29 -18.57 14.01
C PRO A 106 9.16 -20.12 14.11
N ASP A 107 8.13 -20.60 14.79
CA ASP A 107 7.82 -22.05 14.94
C ASP A 107 6.90 -22.59 13.82
N GLY A 108 6.53 -21.75 12.87
CA GLY A 108 5.56 -22.11 11.83
C GLY A 108 4.07 -22.03 12.12
N LEU A 109 3.72 -21.49 13.30
CA LEU A 109 2.35 -21.28 13.72
C LEU A 109 1.94 -19.81 13.57
N LEU A 110 0.62 -19.58 13.58
CA LEU A 110 0.08 -18.21 13.59
C LEU A 110 0.66 -17.35 14.71
N LEU A 111 1.30 -16.25 14.35
CA LEU A 111 1.70 -15.23 15.33
C LEU A 111 0.58 -14.25 15.66
N ARG A 112 -0.14 -13.80 14.63
CA ARG A 112 -1.22 -12.84 14.77
C ARG A 112 -2.12 -12.93 13.55
N GLY A 113 -3.43 -12.97 13.76
CA GLY A 113 -4.43 -12.92 12.69
C GLY A 113 -5.31 -11.66 12.83
N TYR A 114 -5.89 -11.22 11.71
CA TYR A 114 -6.74 -10.02 11.74
C TYR A 114 -7.80 -10.07 10.69
N ASP A 115 -8.91 -9.38 10.96
CA ASP A 115 -10.04 -9.29 10.01
C ASP A 115 -10.85 -8.04 10.38
N GLN A 116 -10.76 -7.00 9.55
N GLN A 116 -10.72 -6.97 9.60
CA GLN A 116 -11.32 -5.70 9.89
CA GLN A 116 -11.39 -5.73 9.98
C GLN A 116 -11.91 -4.88 8.74
C GLN A 116 -11.85 -4.84 8.80
N PHE A 117 -12.83 -3.99 9.10
CA PHE A 117 -13.63 -3.17 8.17
C PHE A 117 -13.64 -1.72 8.50
N ALA A 118 -13.69 -0.86 7.43
CA ALA A 118 -13.91 0.59 7.56
C ALA A 118 -15.01 1.03 6.61
N TYR A 119 -15.81 1.99 7.05
CA TYR A 119 -16.85 2.61 6.20
C TYR A 119 -16.54 4.12 6.07
N ASP A 120 -16.43 4.60 4.81
CA ASP A 120 -16.02 5.99 4.53
C ASP A 120 -14.76 6.41 5.30
N GLY A 121 -13.83 5.48 5.39
CA GLY A 121 -12.52 5.73 5.99
C GLY A 121 -12.40 5.57 7.52
N ALA A 122 -13.50 5.34 8.21
CA ALA A 122 -13.55 5.23 9.69
C ALA A 122 -13.69 3.75 10.10
N ASP A 123 -12.96 3.34 11.16
CA ASP A 123 -13.13 1.99 11.67
C ASP A 123 -14.61 1.65 11.94
N TYR A 124 -15.04 0.44 11.52
CA TYR A 124 -16.45 -0.03 11.67
C TYR A 124 -16.48 -1.24 12.64
N LEU A 125 -15.78 -2.35 12.29
CA LEU A 125 -15.90 -3.62 13.01
C LEU A 125 -14.61 -4.39 12.87
N ALA A 126 -14.11 -5.01 13.93
CA ALA A 126 -12.87 -5.73 13.91
C ALA A 126 -12.89 -7.00 14.78
N LEU A 127 -12.18 -8.01 14.31
CA LEU A 127 -11.94 -9.26 15.09
C LEU A 127 -10.88 -9.00 16.11
N ASN A 128 -11.17 -9.33 17.39
CA ASN A 128 -10.18 -9.14 18.46
C ASN A 128 -9.01 -10.14 18.34
N GLU A 129 -7.91 -9.83 19.01
CA GLU A 129 -6.68 -10.69 18.98
C GLU A 129 -6.91 -12.17 19.31
N ASP A 130 -7.84 -12.42 20.23
CA ASP A 130 -8.26 -13.77 20.62
C ASP A 130 -8.87 -14.63 19.54
N LEU A 131 -9.31 -13.99 18.45
CA LEU A 131 -10.03 -14.63 17.35
C LEU A 131 -11.34 -15.27 17.83
N ARG A 132 -11.93 -14.76 18.91
N ARG A 132 -11.92 -14.76 18.92
CA ARG A 132 -13.14 -15.33 19.54
CA ARG A 132 -13.13 -15.34 19.55
C ARG A 132 -14.22 -14.28 19.83
C ARG A 132 -14.25 -14.30 19.74
N SER A 133 -14.00 -13.03 19.40
CA SER A 133 -14.96 -11.92 19.74
C SER A 133 -14.66 -10.73 18.83
N TRP A 134 -15.57 -9.80 18.78
CA TRP A 134 -15.55 -8.64 17.89
C TRP A 134 -15.67 -7.32 18.68
N THR A 135 -15.10 -6.23 18.12
CA THR A 135 -15.30 -4.88 18.66
C THR A 135 -15.93 -3.97 17.58
N ALA A 136 -17.05 -3.36 17.92
CA ALA A 136 -17.84 -2.43 17.09
C ALA A 136 -17.61 -0.96 17.47
N ALA A 137 -17.57 -0.09 16.43
CA ALA A 137 -17.25 1.32 16.64
C ALA A 137 -18.43 2.20 17.02
N ASP A 138 -19.68 1.78 16.75
CA ASP A 138 -20.87 2.64 16.92
C ASP A 138 -22.13 1.78 16.94
N MET A 139 -23.31 2.41 17.02
N MET A 139 -23.33 2.37 17.03
CA MET A 139 -24.59 1.69 17.11
CA MET A 139 -24.54 1.55 17.14
C MET A 139 -24.95 0.89 15.86
C MET A 139 -24.85 0.78 15.83
N ALA A 140 -24.53 1.34 14.66
CA ALA A 140 -24.71 0.61 13.41
C ALA A 140 -23.86 -0.68 13.40
N ALA A 141 -22.59 -0.56 13.77
CA ALA A 141 -21.71 -1.71 13.82
C ALA A 141 -22.12 -2.75 14.86
N GLN A 142 -22.81 -2.32 15.93
N GLN A 142 -22.81 -2.31 15.92
CA GLN A 142 -23.36 -3.27 16.91
CA GLN A 142 -23.33 -3.24 16.93
C GLN A 142 -24.39 -4.20 16.29
C GLN A 142 -24.43 -4.16 16.34
N ILE A 143 -25.15 -3.68 15.33
CA ILE A 143 -26.16 -4.52 14.61
C ILE A 143 -25.46 -5.67 13.84
N SER A 144 -24.42 -5.28 13.08
CA SER A 144 -23.60 -6.25 12.36
C SER A 144 -22.90 -7.25 13.30
N LYS A 145 -22.34 -6.74 14.39
CA LYS A 145 -21.72 -7.60 15.45
C LYS A 145 -22.67 -8.69 15.98
N ARG A 146 -23.92 -8.33 16.27
CA ARG A 146 -24.87 -9.29 16.77
C ARG A 146 -25.16 -10.38 15.68
N LYS A 147 -25.26 -9.97 14.39
CA LYS A 147 -25.49 -10.98 13.33
C LYS A 147 -24.30 -12.00 13.29
N TRP A 148 -23.08 -11.51 13.44
CA TRP A 148 -21.86 -12.34 13.32
C TRP A 148 -21.71 -13.20 14.55
N GLU A 149 -22.11 -12.71 15.73
CA GLU A 149 -22.18 -13.56 16.94
C GLU A 149 -23.19 -14.70 16.74
N ALA A 150 -24.39 -14.35 16.25
CA ALA A 150 -25.42 -15.38 16.03
C ALA A 150 -24.97 -16.49 15.02
N ALA A 151 -24.27 -16.09 13.98
CA ALA A 151 -23.75 -17.00 12.95
C ALA A 151 -22.44 -17.72 13.31
N ASP A 152 -21.86 -17.46 14.49
CA ASP A 152 -20.48 -17.94 14.86
C ASP A 152 -19.43 -17.73 13.77
N ALA A 153 -19.40 -16.51 13.26
CA ALA A 153 -18.41 -16.08 12.29
C ALA A 153 -16.99 -16.15 12.85
N ALA A 154 -16.81 -15.82 14.11
CA ALA A 154 -15.45 -15.93 14.67
C ALA A 154 -14.85 -17.34 14.58
N GLU A 155 -15.65 -18.41 14.76
CA GLU A 155 -15.09 -19.77 14.68
C GLU A 155 -14.58 -20.06 13.28
N HIS A 156 -15.32 -19.61 12.29
CA HIS A 156 -14.89 -19.75 10.91
C HIS A 156 -13.56 -19.02 10.65
N TRP A 157 -13.46 -17.78 11.12
CA TRP A 157 -12.22 -16.98 10.95
C TRP A 157 -11.00 -17.59 11.67
N ARG A 158 -11.25 -18.07 12.88
CA ARG A 158 -10.20 -18.68 13.67
C ARG A 158 -9.61 -19.88 12.90
N SER A 159 -10.52 -20.73 12.40
N SER A 159 -10.50 -20.73 12.38
CA SER A 159 -10.13 -21.87 11.57
CA SER A 159 -10.06 -21.87 11.57
C SER A 159 -9.35 -21.48 10.29
C SER A 159 -9.33 -21.48 10.28
N TYR A 160 -9.82 -20.47 9.55
CA TYR A 160 -9.12 -19.97 8.34
C TYR A 160 -7.75 -19.39 8.69
N LEU A 161 -7.67 -18.54 9.73
CA LEU A 161 -6.41 -17.83 9.99
C LEU A 161 -5.35 -18.78 10.54
N GLN A 162 -5.72 -19.73 11.42
CA GLN A 162 -4.74 -20.68 11.95
C GLN A 162 -4.31 -21.78 10.96
N GLY A 163 -5.20 -22.11 10.01
CA GLY A 163 -5.05 -23.20 9.08
C GLY A 163 -4.70 -22.78 7.65
N THR A 164 -5.72 -22.60 6.81
CA THR A 164 -5.55 -22.23 5.40
C THR A 164 -4.59 -21.04 5.19
N CYS A 165 -4.74 -19.96 5.97
CA CYS A 165 -3.94 -18.75 5.73
C CYS A 165 -2.47 -19.06 5.95
N VAL A 166 -2.10 -19.63 7.10
CA VAL A 166 -0.69 -19.97 7.40
C VAL A 166 -0.13 -20.97 6.40
N GLU A 167 -0.93 -21.98 6.06
N GLU A 167 -0.88 -22.01 6.06
CA GLU A 167 -0.51 -23.05 5.12
CA GLU A 167 -0.25 -23.04 5.22
C GLU A 167 -0.21 -22.46 3.71
C GLU A 167 -0.08 -22.57 3.76
N SER A 168 -1.13 -21.66 3.23
N SER A 168 -1.02 -21.75 3.29
CA SER A 168 -0.93 -20.96 1.92
CA SER A 168 -0.83 -21.11 1.94
C SER A 168 0.31 -20.10 1.93
C SER A 168 0.31 -20.11 1.93
N LEU A 169 0.44 -19.30 2.98
CA LEU A 169 1.64 -18.42 3.13
C LEU A 169 2.95 -19.22 3.06
N ARG A 170 3.03 -20.37 3.76
CA ARG A 170 4.23 -21.18 3.73
C ARG A 170 4.50 -21.73 2.29
N ARG A 171 3.44 -22.13 1.57
CA ARG A 171 3.62 -22.57 0.16
C ARG A 171 4.16 -21.43 -0.71
N TYR A 172 3.58 -20.24 -0.59
CA TYR A 172 4.03 -19.11 -1.44
C TYR A 172 5.48 -18.74 -1.13
N LEU A 173 5.88 -18.77 0.14
CA LEU A 173 7.26 -18.46 0.50
C LEU A 173 8.27 -19.44 -0.15
N GLN A 174 7.91 -20.72 -0.25
CA GLN A 174 8.69 -21.68 -0.96
C GLN A 174 8.69 -21.45 -2.53
N MET A 175 7.53 -21.20 -3.11
N MET A 175 7.51 -21.21 -3.11
CA MET A 175 7.41 -20.99 -4.55
CA MET A 175 7.37 -20.92 -4.56
C MET A 175 8.24 -19.79 -5.04
C MET A 175 8.31 -19.81 -5.00
N GLY A 176 8.29 -18.73 -4.21
CA GLY A 176 9.04 -17.52 -4.47
C GLY A 176 10.28 -17.34 -3.67
N LYS A 177 10.85 -18.44 -3.20
CA LYS A 177 11.97 -18.36 -2.26
C LYS A 177 13.12 -17.43 -2.73
N ASP A 178 13.53 -17.55 -3.99
CA ASP A 178 14.67 -16.76 -4.47
C ASP A 178 14.51 -15.24 -4.43
N THR A 179 13.26 -14.74 -4.43
CA THR A 179 13.02 -13.31 -4.28
C THR A 179 12.47 -12.91 -2.90
N LEU A 180 11.44 -13.63 -2.42
CA LEU A 180 10.80 -13.28 -1.14
C LEU A 180 11.67 -13.44 0.12
N GLN A 181 12.62 -14.39 0.11
CA GLN A 181 13.36 -14.73 1.33
C GLN A 181 14.79 -14.19 1.30
N ARG A 182 15.01 -13.18 0.47
CA ARG A 182 16.31 -12.56 0.23
C ARG A 182 16.19 -11.07 0.54
N ALA A 183 17.09 -10.52 1.34
CA ALA A 183 17.09 -9.08 1.57
C ALA A 183 18.19 -8.46 0.76
N GLU A 184 17.93 -7.27 0.23
CA GLU A 184 18.92 -6.48 -0.50
C GLU A 184 19.21 -5.19 0.30
N PRO A 185 20.47 -4.94 0.69
CA PRO A 185 20.77 -3.76 1.49
C PRO A 185 20.70 -2.47 0.66
N PRO A 186 20.48 -1.33 1.32
CA PRO A 186 20.49 -0.04 0.60
C PRO A 186 21.89 0.37 0.08
N LYS A 187 21.93 1.00 -1.09
CA LYS A 187 23.10 1.76 -1.57
C LYS A 187 22.88 3.19 -1.03
N THR A 188 23.90 3.76 -0.37
CA THR A 188 23.78 5.03 0.34
C THR A 188 24.77 6.12 -0.07
N HIS A 189 24.33 7.38 0.02
CA HIS A 189 25.23 8.51 -0.22
C HIS A 189 24.58 9.82 0.24
N VAL A 190 25.42 10.82 0.51
CA VAL A 190 24.96 12.14 0.93
C VAL A 190 25.23 13.18 -0.19
N THR A 191 24.21 13.95 -0.56
CA THR A 191 24.38 15.09 -1.47
C THR A 191 24.24 16.43 -0.76
N ARG A 192 24.79 17.46 -1.43
CA ARG A 192 24.74 18.84 -0.92
C ARG A 192 24.13 19.81 -1.93
N HIS A 193 23.23 20.66 -1.45
CA HIS A 193 22.45 21.57 -2.31
C HIS A 193 22.45 22.98 -1.73
N PRO A 194 22.99 23.94 -2.47
CA PRO A 194 22.69 25.34 -2.11
C PRO A 194 21.20 25.58 -1.78
N SER A 195 20.96 26.39 -0.74
CA SER A 195 19.60 26.58 -0.18
C SER A 195 19.33 28.06 0.13
N SER A 196 18.04 28.39 0.14
CA SER A 196 17.51 29.78 0.07
C SER A 196 18.11 30.77 1.09
N ASP A 197 18.55 30.29 2.24
CA ASP A 197 19.22 31.14 3.22
C ASP A 197 20.72 31.12 2.93
N LEU A 198 21.51 31.59 3.90
CA LEU A 198 22.85 31.03 4.08
C LEU A 198 22.73 29.81 5.03
N GLY A 199 22.01 28.82 4.51
CA GLY A 199 22.04 27.46 5.01
C GLY A 199 22.22 26.59 3.79
N VAL A 200 22.82 25.42 3.97
CA VAL A 200 23.07 24.44 2.91
C VAL A 200 22.19 23.23 3.25
N THR A 201 21.55 22.60 2.25
CA THR A 201 20.82 21.35 2.49
C THR A 201 21.72 20.13 2.29
N LEU A 202 21.73 19.22 3.27
CA LEU A 202 22.32 17.90 3.11
C LEU A 202 21.21 16.90 2.97
N ARG A 203 21.33 15.97 2.03
CA ARG A 203 20.31 14.94 1.80
C ARG A 203 20.96 13.56 1.82
N CYS A 204 20.52 12.69 2.75
CA CYS A 204 21.02 11.33 2.86
C CYS A 204 20.07 10.39 2.12
N TRP A 205 20.59 9.65 1.14
CA TRP A 205 19.80 8.73 0.30
C TRP A 205 20.03 7.26 0.63
N ALA A 206 18.94 6.50 0.60
CA ALA A 206 18.99 5.02 0.60
C ALA A 206 18.20 4.53 -0.60
N LEU A 207 18.86 3.72 -1.45
CA LEU A 207 18.32 3.30 -2.75
C LEU A 207 18.47 1.78 -2.95
N GLY A 208 17.51 1.17 -3.64
CA GLY A 208 17.66 -0.25 -4.10
C GLY A 208 17.46 -1.32 -3.02
N PHE A 209 16.80 -0.96 -1.90
CA PHE A 209 16.68 -1.90 -0.76
C PHE A 209 15.36 -2.72 -0.74
N HIS A 210 15.40 -3.95 -0.18
N HIS A 210 15.41 -3.92 -0.16
CA HIS A 210 14.18 -4.77 0.11
CA HIS A 210 14.18 -4.61 0.21
C HIS A 210 14.49 -5.57 1.39
C HIS A 210 14.48 -5.54 1.39
N PRO A 211 13.53 -5.68 2.33
CA PRO A 211 12.16 -5.16 2.40
C PRO A 211 12.12 -3.68 2.72
N LYS A 212 10.89 -3.15 2.79
CA LYS A 212 10.69 -1.72 2.83
C LYS A 212 11.06 -1.07 4.16
N GLU A 213 11.03 -1.83 5.25
CA GLU A 213 11.35 -1.30 6.57
C GLU A 213 12.80 -0.78 6.65
N ILE A 214 12.99 0.46 7.07
CA ILE A 214 14.31 1.09 7.18
C ILE A 214 14.29 2.26 8.20
N SER A 215 15.42 2.52 8.84
N SER A 215 15.46 2.58 8.74
CA SER A 215 15.59 3.76 9.61
CA SER A 215 15.67 3.72 9.64
C SER A 215 16.71 4.60 9.01
C SER A 215 16.77 4.64 9.14
N LEU A 216 16.41 5.90 8.86
CA LEU A 216 17.36 6.96 8.46
C LEU A 216 17.26 8.10 9.47
N THR A 217 18.39 8.46 10.06
CA THR A 217 18.49 9.53 11.06
C THR A 217 19.78 10.39 10.81
N TRP A 218 19.78 11.62 11.33
CA TRP A 218 20.95 12.52 11.34
C TRP A 218 21.36 12.84 12.78
N GLN A 219 22.68 12.90 13.05
CA GLN A 219 23.23 13.34 14.33
C GLN A 219 24.28 14.40 14.13
N ARG A 220 24.46 15.19 15.18
CA ARG A 220 25.64 16.06 15.34
C ARG A 220 26.10 15.90 16.78
N GLU A 221 27.36 15.48 17.00
CA GLU A 221 27.90 15.19 18.36
C GLU A 221 27.03 14.30 19.25
N GLY A 222 26.56 13.19 18.68
CA GLY A 222 25.76 12.21 19.41
C GLY A 222 24.30 12.59 19.60
N GLN A 223 23.91 13.76 19.06
CA GLN A 223 22.61 14.37 19.32
C GLN A 223 21.73 14.22 18.08
N ASP A 224 20.59 13.54 18.24
CA ASP A 224 19.67 13.29 17.14
C ASP A 224 19.06 14.59 16.62
N GLN A 225 18.89 14.72 15.30
CA GLN A 225 18.40 15.97 14.67
C GLN A 225 16.98 15.89 14.05
N SER A 226 16.20 14.89 14.44
CA SER A 226 14.86 14.67 13.88
C SER A 226 13.86 15.85 13.90
N GLN A 227 13.99 16.76 14.86
CA GLN A 227 13.01 17.87 14.98
C GLN A 227 13.09 18.87 13.82
N ASP A 228 14.27 19.01 13.19
CA ASP A 228 14.44 19.94 12.06
C ASP A 228 14.66 19.22 10.69
N MET A 229 14.40 17.94 10.62
CA MET A 229 14.76 17.14 9.45
C MET A 229 13.50 16.93 8.60
N GLU A 230 13.63 16.88 7.28
CA GLU A 230 12.53 16.42 6.40
C GLU A 230 12.79 14.95 6.03
N LEU A 231 11.85 14.06 6.35
CA LEU A 231 11.96 12.62 6.05
C LEU A 231 10.79 12.27 5.12
N VAL A 232 11.08 11.85 3.90
CA VAL A 232 9.99 11.50 2.97
C VAL A 232 9.49 10.09 3.22
N GLU A 233 8.25 9.85 2.87
CA GLU A 233 7.67 8.50 2.90
C GLU A 233 8.48 7.56 1.99
N THR A 234 8.69 6.34 2.46
CA THR A 234 9.36 5.29 1.67
C THR A 234 8.51 5.03 0.40
N ARG A 235 9.21 4.97 -0.76
CA ARG A 235 8.57 4.95 -2.07
C ARG A 235 9.10 3.81 -2.95
N PRO A 236 8.19 3.21 -3.77
CA PRO A 236 8.65 2.11 -4.64
C PRO A 236 9.52 2.54 -5.84
N SER A 237 10.57 1.79 -6.12
CA SER A 237 11.33 2.06 -7.35
C SER A 237 10.63 1.57 -8.63
N GLY A 238 9.79 0.56 -8.50
CA GLY A 238 9.06 -0.03 -9.60
C GLY A 238 9.52 -1.43 -10.03
N ASP A 239 10.64 -1.87 -9.46
CA ASP A 239 11.32 -3.17 -9.80
C ASP A 239 11.38 -4.10 -8.57
N GLY A 240 10.60 -3.77 -7.54
CA GLY A 240 10.53 -4.54 -6.26
C GLY A 240 11.41 -4.02 -5.13
N THR A 241 12.21 -2.98 -5.39
CA THR A 241 13.01 -2.33 -4.38
C THR A 241 12.36 -1.00 -4.00
N PHE A 242 12.93 -0.35 -2.99
CA PHE A 242 12.43 0.91 -2.42
C PHE A 242 13.53 1.98 -2.31
N GLN A 243 13.08 3.22 -2.09
CA GLN A 243 13.91 4.38 -1.89
C GLN A 243 13.39 5.21 -0.70
N LYS A 244 14.33 5.97 -0.10
CA LYS A 244 13.95 6.95 0.97
C LYS A 244 15.06 7.97 1.10
N TRP A 245 14.74 9.16 1.54
CA TRP A 245 15.77 10.14 1.92
C TRP A 245 15.37 10.99 3.14
N ALA A 246 16.40 11.55 3.77
CA ALA A 246 16.30 12.43 4.93
C ALA A 246 17.18 13.66 4.71
N ALA A 247 16.62 14.85 4.84
CA ALA A 247 17.37 16.09 4.59
C ALA A 247 17.28 17.14 5.73
N LEU A 248 18.34 17.92 5.86
CA LEU A 248 18.33 19.06 6.77
C LEU A 248 19.24 20.20 6.32
N VAL A 249 18.93 21.38 6.82
CA VAL A 249 19.69 22.58 6.55
C VAL A 249 20.74 22.80 7.67
N VAL A 250 21.99 23.00 7.26
CA VAL A 250 23.11 23.21 8.19
C VAL A 250 23.89 24.51 7.83
N PRO A 251 24.66 25.11 8.78
CA PRO A 251 25.36 26.34 8.39
C PRO A 251 26.49 26.09 7.39
N PRO A 252 26.80 27.07 6.51
CA PRO A 252 27.84 26.82 5.49
C PRO A 252 29.22 26.61 6.14
N GLY A 253 29.98 25.66 5.61
CA GLY A 253 31.28 25.34 6.19
C GLY A 253 31.19 24.23 7.26
N GLU A 254 30.00 23.98 7.83
CA GLU A 254 29.86 23.04 8.95
C GLU A 254 29.33 21.64 8.53
N GLU A 255 29.29 21.38 7.22
CA GLU A 255 28.68 20.14 6.67
C GLU A 255 29.27 18.84 7.29
N GLN A 256 30.57 18.81 7.50
CA GLN A 256 31.22 17.56 7.96
C GLN A 256 31.14 17.37 9.51
N SER A 257 30.43 18.26 10.22
CA SER A 257 30.05 18.01 11.62
C SER A 257 28.79 17.09 11.79
N TYR A 258 28.18 16.66 10.67
CA TYR A 258 26.90 15.92 10.65
C TYR A 258 27.11 14.52 10.09
N THR A 259 26.45 13.51 10.69
CA THR A 259 26.51 12.13 10.19
C THR A 259 25.10 11.61 9.97
N CYS A 260 24.92 10.85 8.89
CA CYS A 260 23.70 10.09 8.60
C CYS A 260 23.87 8.64 9.06
N HIS A 261 22.82 8.08 9.68
CA HIS A 261 22.84 6.73 10.20
C HIS A 261 21.69 5.92 9.60
N VAL A 262 22.03 4.73 9.14
CA VAL A 262 21.11 3.84 8.39
C VAL A 262 21.08 2.46 9.04
N GLN A 263 19.86 1.94 9.32
CA GLN A 263 19.70 0.55 9.78
C GLN A 263 18.71 -0.16 8.83
N HIS A 264 19.04 -1.40 8.47
CA HIS A 264 18.25 -2.21 7.54
C HIS A 264 18.64 -3.68 7.73
N GLU A 265 17.68 -4.61 7.57
CA GLU A 265 18.02 -6.00 7.85
C GLU A 265 19.07 -6.61 6.89
N GLY A 266 19.19 -6.05 5.68
CA GLY A 266 20.27 -6.41 4.74
C GLY A 266 21.69 -6.02 5.13
N LEU A 267 21.86 -5.12 6.09
CA LEU A 267 23.19 -4.65 6.55
C LEU A 267 23.70 -5.55 7.66
N GLN A 268 24.99 -5.88 7.60
CA GLN A 268 25.61 -6.70 8.64
C GLN A 268 25.69 -5.94 9.99
N GLU A 269 25.93 -4.63 9.92
CA GLU A 269 25.59 -3.74 11.05
C GLU A 269 25.28 -2.31 10.58
N PRO A 270 24.84 -1.44 11.50
CA PRO A 270 24.37 -0.11 11.08
C PRO A 270 25.50 0.71 10.41
N LEU A 271 25.12 1.52 9.43
CA LEU A 271 26.06 2.35 8.66
C LEU A 271 26.10 3.76 9.17
N THR A 272 27.28 4.37 9.15
CA THR A 272 27.45 5.81 9.36
C THR A 272 28.05 6.37 8.08
N LEU A 273 27.51 7.48 7.57
CA LEU A 273 28.11 8.18 6.41
C LEU A 273 27.98 9.70 6.52
N ARG A 274 28.75 10.38 5.70
CA ARG A 274 28.78 11.85 5.70
C ARG A 274 28.98 12.38 4.28
N TRP A 275 28.84 13.69 4.11
CA TRP A 275 29.18 14.35 2.83
C TRP A 275 30.66 14.03 2.48
N ASP A 276 30.89 13.39 1.30
CA ASP A 276 32.20 12.73 0.92
C ASP A 276 32.51 13.03 -0.54
N PRO A 277 32.69 14.32 -0.88
CA PRO A 277 32.91 14.69 -2.28
C PRO A 277 34.32 14.30 -2.78
N MET B 1 -16.30 11.18 8.35
CA MET B 1 -14.97 11.84 8.61
C MET B 1 -14.59 12.74 7.45
N VAL B 2 -13.68 13.64 7.73
CA VAL B 2 -13.16 14.58 6.73
C VAL B 2 -12.22 13.89 5.76
N ALA B 3 -12.34 14.28 4.47
CA ALA B 3 -11.47 13.75 3.40
C ALA B 3 -9.99 14.09 3.66
N ARG B 4 -9.13 13.22 3.17
CA ARG B 4 -7.68 13.30 3.38
C ARG B 4 -6.96 13.61 2.02
N PRO B 5 -6.14 14.69 1.97
CA PRO B 5 -5.49 15.06 0.70
C PRO B 5 -4.31 14.17 0.34
N PRO B 6 -3.96 14.05 -0.96
CA PRO B 6 -2.85 13.22 -1.42
C PRO B 6 -1.50 13.91 -1.19
N LYS B 7 -0.53 13.10 -0.75
CA LYS B 7 0.89 13.41 -0.85
C LYS B 7 1.36 12.95 -2.21
N VAL B 8 2.31 13.71 -2.79
CA VAL B 8 2.82 13.42 -4.16
C VAL B 8 4.34 13.49 -4.22
N GLN B 9 4.99 12.42 -4.71
CA GLN B 9 6.47 12.46 -5.06
C GLN B 9 6.70 12.05 -6.51
N VAL B 10 7.56 12.78 -7.20
N VAL B 10 7.55 12.79 -7.21
CA VAL B 10 7.91 12.53 -8.62
CA VAL B 10 7.92 12.45 -8.61
C VAL B 10 9.43 12.29 -8.68
C VAL B 10 9.44 12.28 -8.69
N TYR B 11 9.87 11.17 -9.28
CA TYR B 11 11.25 10.72 -9.12
C TYR B 11 11.61 9.65 -10.15
N SER B 12 12.89 9.48 -10.44
CA SER B 12 13.30 8.38 -11.37
C SER B 12 13.69 7.13 -10.62
N ARG B 13 13.55 5.97 -11.31
CA ARG B 13 13.95 4.68 -10.73
C ARG B 13 15.46 4.63 -10.44
N HIS B 14 16.26 5.03 -11.43
CA HIS B 14 17.71 5.05 -11.31
C HIS B 14 18.19 6.49 -11.36
N PRO B 15 19.43 6.76 -10.91
CA PRO B 15 19.97 8.12 -11.00
C PRO B 15 19.96 8.63 -12.44
N ALA B 16 19.45 9.83 -12.68
CA ALA B 16 19.29 10.31 -14.06
C ALA B 16 20.63 10.63 -14.74
N GLU B 17 20.80 10.20 -15.99
N GLU B 17 20.74 10.25 -16.01
CA GLU B 17 22.00 10.55 -16.78
CA GLU B 17 21.95 10.37 -16.83
C GLU B 17 21.48 10.80 -18.18
C GLU B 17 21.45 10.79 -18.22
N ASN B 18 21.83 11.98 -18.71
CA ASN B 18 21.27 12.44 -19.99
C ASN B 18 21.62 11.46 -21.11
N GLY B 19 20.61 11.10 -21.91
CA GLY B 19 20.81 10.12 -22.99
C GLY B 19 20.65 8.65 -22.59
N LYS B 20 20.46 8.33 -21.30
CA LYS B 20 20.32 6.93 -20.85
C LYS B 20 18.89 6.55 -20.50
N PRO B 21 18.36 5.45 -21.09
CA PRO B 21 16.96 5.06 -20.76
C PRO B 21 16.76 4.78 -19.28
N ASN B 22 15.57 5.14 -18.77
CA ASN B 22 15.25 5.09 -17.29
C ASN B 22 13.71 4.91 -17.17
N TYR B 23 13.17 5.04 -15.95
CA TYR B 23 11.76 4.95 -15.68
C TYR B 23 11.36 6.13 -14.78
N LEU B 24 10.23 6.75 -15.08
CA LEU B 24 9.70 7.93 -14.38
C LEU B 24 8.48 7.54 -13.58
N ASN B 25 8.49 7.90 -12.27
CA ASN B 25 7.47 7.48 -11.27
C ASN B 25 6.77 8.72 -10.66
N CYS B 26 5.45 8.56 -10.46
CA CYS B 26 4.65 9.48 -9.64
C CYS B 26 3.93 8.60 -8.60
N TYR B 27 4.37 8.71 -7.31
CA TYR B 27 3.82 7.97 -6.19
C TYR B 27 2.89 8.89 -5.39
N VAL B 28 1.62 8.48 -5.26
CA VAL B 28 0.57 9.33 -4.67
C VAL B 28 -0.05 8.53 -3.52
N SER B 29 -0.08 9.11 -2.33
CA SER B 29 -0.43 8.32 -1.11
C SER B 29 -1.16 9.16 -0.10
N GLY B 30 -1.79 8.51 0.88
CA GLY B 30 -2.39 9.19 2.02
C GLY B 30 -3.78 9.74 1.82
N PHE B 31 -4.42 9.44 0.67
CA PHE B 31 -5.68 10.08 0.29
C PHE B 31 -6.97 9.27 0.60
N HIS B 32 -8.08 9.96 0.73
CA HIS B 32 -9.41 9.35 0.92
C HIS B 32 -10.42 10.42 0.60
N PRO B 33 -11.46 10.17 -0.24
CA PRO B 33 -11.88 8.91 -0.87
C PRO B 33 -11.00 8.50 -2.07
N PRO B 34 -11.28 7.32 -2.66
CA PRO B 34 -10.29 6.79 -3.65
C PRO B 34 -10.35 7.33 -5.05
N GLN B 35 -11.43 8.04 -5.38
CA GLN B 35 -11.50 8.71 -6.72
C GLN B 35 -10.41 9.79 -6.86
N ILE B 36 -9.61 9.64 -7.93
CA ILE B 36 -8.44 10.51 -8.13
C ILE B 36 -7.99 10.44 -9.61
N GLU B 37 -7.44 11.54 -10.14
CA GLU B 37 -6.81 11.55 -11.49
C GLU B 37 -5.35 11.90 -11.31
N ILE B 38 -4.45 11.04 -11.79
CA ILE B 38 -3.03 11.25 -11.70
C ILE B 38 -2.42 11.19 -13.15
N ASP B 39 -1.80 12.28 -13.59
CA ASP B 39 -1.22 12.32 -14.96
C ASP B 39 0.26 12.70 -14.86
N LEU B 40 1.14 11.90 -15.48
CA LEU B 40 2.55 12.30 -15.74
C LEU B 40 2.55 13.16 -17.00
N LEU B 41 3.27 14.29 -16.95
CA LEU B 41 3.36 15.24 -18.08
C LEU B 41 4.80 15.41 -18.57
N LYS B 42 4.93 15.53 -19.90
CA LYS B 42 6.17 15.84 -20.58
C LYS B 42 5.96 17.18 -21.28
N ASN B 43 6.72 18.21 -20.88
CA ASN B 43 6.53 19.58 -21.38
C ASN B 43 5.06 19.99 -21.33
N GLY B 44 4.41 19.61 -20.21
CA GLY B 44 3.03 19.97 -19.93
C GLY B 44 1.94 19.14 -20.63
N GLU B 45 2.31 18.09 -21.40
CA GLU B 45 1.35 17.25 -22.14
C GLU B 45 1.27 15.86 -21.53
N LYS B 46 0.06 15.32 -21.42
CA LYS B 46 -0.13 14.03 -20.79
C LYS B 46 0.63 12.87 -21.50
N MET B 47 1.39 12.11 -20.71
CA MET B 47 2.03 10.87 -21.15
C MET B 47 1.05 9.67 -20.92
N ASN B 48 1.08 8.68 -21.81
CA ASN B 48 0.33 7.44 -21.62
C ASN B 48 1.01 6.44 -20.66
N ALA B 49 0.85 6.62 -19.40
CA ALA B 49 1.60 5.87 -18.33
C ALA B 49 0.74 4.84 -17.61
N GLU B 50 1.35 3.69 -17.26
CA GLU B 50 0.69 2.62 -16.49
C GLU B 50 0.40 2.98 -15.04
N GLN B 51 -0.77 2.54 -14.57
CA GLN B 51 -1.21 2.77 -13.18
C GLN B 51 -1.37 1.44 -12.41
N SER B 52 -0.83 1.43 -11.21
CA SER B 52 -0.92 0.27 -10.29
C SER B 52 -2.35 -0.02 -9.86
N ASP B 53 -2.56 -1.22 -9.30
CA ASP B 53 -3.89 -1.62 -8.75
C ASP B 53 -4.15 -0.90 -7.44
N LEU B 54 -5.37 -0.38 -7.28
CA LEU B 54 -5.75 0.36 -6.03
C LEU B 54 -5.55 -0.51 -4.75
N SER B 55 -4.80 0.06 -3.80
CA SER B 55 -4.54 -0.55 -2.51
C SER B 55 -4.51 0.52 -1.44
N PHE B 56 -4.36 0.09 -0.16
CA PHE B 56 -4.39 1.01 0.97
C PHE B 56 -3.50 0.53 2.12
N SER B 57 -3.16 1.47 3.01
CA SER B 57 -2.31 1.27 4.17
C SER B 57 -3.16 0.93 5.39
N LYS B 58 -2.49 0.58 6.48
CA LYS B 58 -3.18 0.15 7.68
C LYS B 58 -4.08 1.24 8.34
N ASP B 59 -3.84 2.54 8.04
CA ASP B 59 -4.76 3.62 8.47
C ASP B 59 -5.93 3.89 7.51
N TRP B 60 -6.05 3.03 6.48
CA TRP B 60 -7.12 3.02 5.49
C TRP B 60 -6.91 4.02 4.32
N SER B 61 -5.84 4.79 4.39
CA SER B 61 -5.53 5.72 3.28
C SER B 61 -4.99 5.00 2.03
N PHE B 62 -5.41 5.48 0.86
CA PHE B 62 -5.09 4.84 -0.44
C PHE B 62 -3.69 5.26 -0.98
N TYR B 63 -3.10 4.40 -1.82
CA TYR B 63 -1.85 4.71 -2.57
C TYR B 63 -1.91 4.09 -3.97
N LEU B 64 -1.29 4.83 -4.91
CA LEU B 64 -1.15 4.49 -6.33
C LEU B 64 0.24 4.92 -6.85
N LEU B 65 0.74 4.10 -7.76
CA LEU B 65 2.00 4.37 -8.51
C LEU B 65 1.63 4.50 -10.03
N VAL B 66 2.02 5.65 -10.64
CA VAL B 66 1.91 5.86 -12.12
C VAL B 66 3.31 5.92 -12.67
N HIS B 67 3.58 5.18 -13.74
CA HIS B 67 4.98 5.02 -14.19
C HIS B 67 5.08 4.76 -15.69
N THR B 68 6.21 5.20 -16.27
CA THR B 68 6.51 4.90 -17.69
C THR B 68 7.98 5.03 -18.00
N GLU B 69 8.40 4.47 -19.12
CA GLU B 69 9.79 4.58 -19.55
C GLU B 69 10.07 6.00 -20.09
N PHE B 70 11.26 6.49 -19.83
CA PHE B 70 11.71 7.76 -20.43
C PHE B 70 13.20 7.85 -20.58
N THR B 71 13.66 8.74 -21.46
CA THR B 71 15.10 9.01 -21.58
C THR B 71 15.37 10.51 -21.30
N PRO B 72 15.86 10.85 -20.08
CA PRO B 72 16.08 12.28 -19.75
C PRO B 72 17.13 12.94 -20.63
N ASN B 73 16.99 14.26 -20.83
CA ASN B 73 18.03 15.04 -21.53
C ASN B 73 18.10 16.45 -20.93
N ALA B 74 18.86 17.32 -21.57
CA ALA B 74 19.08 18.70 -21.08
C ALA B 74 17.90 19.67 -21.34
N VAL B 75 16.89 19.23 -22.06
CA VAL B 75 15.83 20.14 -22.54
C VAL B 75 14.47 19.83 -21.92
N ASP B 76 14.04 18.58 -21.99
CA ASP B 76 12.65 18.25 -21.64
C ASP B 76 12.38 18.38 -20.14
N GLN B 77 11.21 18.93 -19.83
CA GLN B 77 10.72 19.04 -18.42
C GLN B 77 9.64 18.02 -18.15
N TYR B 78 9.62 17.44 -16.95
CA TYR B 78 8.59 16.49 -16.58
C TYR B 78 7.94 16.90 -15.26
N SER B 79 6.69 16.51 -15.07
CA SER B 79 5.93 16.86 -13.86
C SER B 79 4.81 15.84 -13.63
N CYS B 80 4.15 15.89 -12.47
CA CYS B 80 2.95 15.08 -12.21
C CYS B 80 1.83 15.96 -11.77
N ARG B 81 0.62 15.75 -12.31
CA ARG B 81 -0.58 16.59 -12.04
C ARG B 81 -1.68 15.73 -11.40
N VAL B 82 -2.20 16.15 -10.22
CA VAL B 82 -3.15 15.33 -9.45
C VAL B 82 -4.44 16.12 -9.17
N LYS B 83 -5.59 15.48 -9.42
CA LYS B 83 -6.91 16.08 -9.18
C LYS B 83 -7.66 15.19 -8.16
N HIS B 84 -8.25 15.81 -7.11
CA HIS B 84 -8.92 15.11 -5.99
C HIS B 84 -9.93 16.07 -5.34
N VAL B 85 -10.96 15.52 -4.69
CA VAL B 85 -12.00 16.39 -4.07
C VAL B 85 -11.42 17.39 -3.05
N THR B 86 -10.29 17.02 -2.41
CA THR B 86 -9.66 17.93 -1.43
C THR B 86 -8.86 19.11 -2.03
N LEU B 87 -8.69 19.13 -3.37
CA LEU B 87 -7.82 20.08 -4.02
C LEU B 87 -8.63 21.08 -4.86
N ASP B 88 -8.56 22.35 -4.51
CA ASP B 88 -9.42 23.35 -5.21
C ASP B 88 -8.89 23.69 -6.62
N LYS B 89 -7.61 23.47 -6.86
CA LYS B 89 -7.06 23.38 -8.24
C LYS B 89 -6.08 22.24 -8.32
N PRO B 90 -5.74 21.79 -9.56
CA PRO B 90 -4.80 20.68 -9.66
C PRO B 90 -3.42 20.91 -8.96
N LYS B 91 -2.92 19.87 -8.28
CA LYS B 91 -1.62 19.88 -7.62
C LYS B 91 -0.59 19.46 -8.66
N ILE B 92 0.41 20.30 -8.93
CA ILE B 92 1.45 20.02 -9.91
C ILE B 92 2.82 19.99 -9.19
N VAL B 93 3.53 18.87 -9.30
CA VAL B 93 4.86 18.75 -8.73
C VAL B 93 5.87 18.53 -9.89
N LYS B 94 6.93 19.33 -9.92
CA LYS B 94 7.96 19.22 -11.00
C LYS B 94 9.00 18.17 -10.65
N TRP B 95 9.47 17.43 -11.65
CA TRP B 95 10.55 16.48 -11.46
C TRP B 95 11.86 17.24 -11.44
N ASP B 96 12.66 17.06 -10.40
N ASP B 96 12.64 16.89 -10.42
CA ASP B 96 14.08 17.40 -10.54
CA ASP B 96 13.97 17.39 -10.19
C ASP B 96 14.92 16.27 -9.96
C ASP B 96 14.89 16.17 -9.99
N ARG B 97 16.15 16.22 -10.44
CA ARG B 97 17.12 15.15 -10.13
C ARG B 97 17.57 15.05 -8.69
N ASP B 98 17.29 16.06 -7.86
CA ASP B 98 17.74 16.14 -6.47
C ASP B 98 16.74 15.70 -5.42
N HIS B 99 15.52 15.29 -5.81
CA HIS B 99 14.51 14.86 -4.88
C HIS B 99 13.95 13.50 -5.28
N GLU C 1 -4.31 -17.84 -0.39
CA GLU C 1 -5.64 -18.46 -0.70
C GLU C 1 -6.77 -17.57 -0.15
N PHE C 2 -7.68 -17.12 -1.02
CA PHE C 2 -8.77 -16.19 -0.61
C PHE C 2 -9.76 -16.93 0.33
N GLU C 3 -10.30 -16.20 1.30
N GLU C 3 -10.27 -16.23 1.33
CA GLU C 3 -11.29 -16.78 2.21
CA GLU C 3 -11.21 -16.81 2.32
C GLU C 3 -12.52 -17.24 1.45
C GLU C 3 -12.58 -17.07 1.66
N ASP C 4 -13.26 -18.14 2.05
CA ASP C 4 -14.42 -18.70 1.33
C ASP C 4 -15.84 -18.51 1.89
N LEU C 5 -16.04 -17.61 2.85
N LEU C 5 -15.95 -17.64 2.88
CA LEU C 5 -17.43 -17.28 3.32
CA LEU C 5 -17.23 -17.19 3.42
C LEU C 5 -17.53 -15.87 3.91
C LEU C 5 -17.04 -15.71 3.59
N THR C 6 -17.97 -14.93 3.05
CA THR C 6 -18.00 -13.50 3.33
C THR C 6 -19.35 -13.27 4.01
N PHE C 7 -19.34 -12.59 5.18
CA PHE C 7 -20.58 -12.40 5.96
C PHE C 7 -21.38 -11.15 5.67
N LEU C 8 -22.71 -11.29 5.76
CA LEU C 8 -23.61 -10.16 5.59
C LEU C 8 -23.54 -9.25 6.83
N ALA C 9 -23.31 -7.98 6.63
CA ALA C 9 -23.38 -6.96 7.68
C ALA C 9 -24.77 -6.57 8.07
C1 EDO D . -1.80 -8.68 -15.74
O1 EDO D . -0.67 -8.41 -14.91
C2 EDO D . -2.59 -9.77 -14.97
O2 EDO D . -1.99 -11.08 -14.99
C1 GOL E . -9.92 -3.11 19.17
O1 GOL E . -8.85 -3.08 20.12
C2 GOL E . -9.49 -3.68 17.81
O2 GOL E . -8.14 -3.35 17.47
C3 GOL E . -9.60 -5.19 17.87
O3 GOL E . -10.97 -5.63 17.82
C1 PEG F . -7.98 -7.52 -17.20
O1 PEG F . -6.62 -7.93 -16.93
C2 PEG F . -8.18 -6.05 -16.83
O2 PEG F . -7.79 -5.71 -15.48
C3 PEG F . -8.68 -6.26 -14.51
C4 PEG F . -7.96 -7.24 -13.62
O4 PEG F . -8.10 -6.95 -12.22
C1 EDO G . -7.71 0.25 -10.42
O1 EDO G . -7.20 -0.75 -9.51
C2 EDO G . -6.62 1.04 -11.13
O2 EDO G . -5.90 1.78 -10.15
C1 EDO H . 16.23 8.71 -7.22
O1 EDO H . 15.00 9.17 -7.76
C2 EDO H . 17.08 8.21 -8.36
O2 EDO H . 18.44 8.06 -7.96
C1 EDO I . 10.20 10.40 -24.09
O1 EDO I . 9.14 10.95 -23.32
C2 EDO I . 11.19 10.04 -23.02
O2 EDO I . 12.41 9.57 -23.60
C1 GOL J . -10.18 22.64 -1.43
O1 GOL J . -9.91 22.14 -0.11
C2 GOL J . -11.62 22.48 -1.93
O2 GOL J . -12.40 22.21 -0.75
C3 GOL J . -11.66 21.40 -3.05
O3 GOL J . -12.93 20.81 -3.38
C1 EDO K . -24.24 -12.98 8.92
O1 EDO K . -25.14 -11.81 8.75
C2 EDO K . -24.53 -14.17 7.96
O2 EDO K . -23.97 -13.80 6.67
#